data_9GX3
#
_entry.id   9GX3
#
_cell.length_a   93.692
_cell.length_b   61.270
_cell.length_c   118.735
_cell.angle_alpha   90.000
_cell.angle_beta   101.920
_cell.angle_gamma   90.000
#
_symmetry.space_group_name_H-M   'C 1 2 1'
#
loop_
_entity.id
_entity.type
_entity.pdbx_description
1 polymer 'Peroxisome proliferator-activated receptor gamma'
2 non-polymer '4-[1-[2-chloranyl-6-(trifluoromethyl)phenyl]carbonylindazol-3-yl]-3-phenylmethoxy-benzoic acid'
3 water water
#
_entity_poly.entity_id   1
_entity_poly.type   'polypeptide(L)'
_entity_poly.pdbx_seq_one_letter_code
;GSHMESADLRALAKHLYDSYIKSFPLTKAKARAILTGKTTDKSPFVIYDMNSLMMGEDKIKFKHITPLQEQSKEVAIRIF
QGCQFRSVEAVQEITEYAKSIPGFVNLDLNDQVTLLKYGVHEIIYTMLASLMNKDGVLISEGQGFMTREFLKSLRKPFGD
FMEPKFEFAVKFNALELDDSDLAIFIAVIILSGDRPGLLNVKPIEDIQDNLLQALELQLKLNHPESSQLFAKLLQKMTDL
RQIVTEHVQLLQVIKKTETDMSLHPLLQEIYKDLY
;
_entity_poly.pdbx_strand_id   A,B
#
loop_
_chem_comp.id
_chem_comp.type
_chem_comp.name
_chem_comp.formula
A1IQE non-polymer '4-[1-[2-chloranyl-6-(trifluoromethyl)phenyl]carbonylindazol-3-yl]-3-phenylmethoxy-benzoic acid' 'C29 H18 Cl F3 N2 O4'
#
# COMPACT_ATOMS: atom_id res chain seq x y z
N HIS A 3 -19.81 5.79 -15.31
CA HIS A 3 -19.46 6.85 -16.26
C HIS A 3 -19.04 6.28 -17.61
N MET A 4 -19.35 5.00 -17.83
CA MET A 4 -18.97 4.34 -19.08
C MET A 4 -19.87 3.12 -19.26
N GLU A 5 -20.44 2.97 -20.45
CA GLU A 5 -21.34 1.83 -20.70
C GLU A 5 -20.54 0.54 -20.81
N SER A 6 -21.24 -0.58 -20.60
CA SER A 6 -20.59 -1.88 -20.57
C SER A 6 -19.85 -2.17 -21.88
N ALA A 7 -20.48 -1.85 -23.01
CA ALA A 7 -19.83 -2.09 -24.30
C ALA A 7 -18.55 -1.27 -24.45
N ASP A 8 -18.55 -0.04 -23.93
CA ASP A 8 -17.36 0.79 -23.98
C ASP A 8 -16.26 0.21 -23.10
N LEU A 9 -16.63 -0.33 -21.95
CA LEU A 9 -15.65 -0.95 -21.05
C LEU A 9 -15.09 -2.23 -21.67
N ARG A 10 -15.94 -3.01 -22.35
CA ARG A 10 -15.42 -4.19 -23.05
C ARG A 10 -14.49 -3.78 -24.17
N ALA A 11 -14.85 -2.73 -24.92
CA ALA A 11 -13.98 -2.24 -25.99
C ALA A 11 -12.62 -1.81 -25.46
N LEU A 12 -12.61 -1.09 -24.33
CA LEU A 12 -11.35 -0.66 -23.74
C LEU A 12 -10.52 -1.85 -23.25
N ALA A 13 -11.16 -2.86 -22.66
CA ALA A 13 -10.44 -4.06 -22.23
C ALA A 13 -9.78 -4.75 -23.42
N LYS A 14 -10.49 -4.83 -24.55
CA LYS A 14 -9.94 -5.52 -25.72
C LYS A 14 -8.79 -4.73 -26.31
N HIS A 15 -8.93 -3.40 -26.39
CA HIS A 15 -7.85 -2.52 -26.83
C HIS A 15 -6.57 -2.74 -26.03
N LEU A 16 -6.68 -2.73 -24.71
CA LEU A 16 -5.49 -2.83 -23.89
C LEU A 16 -4.85 -4.21 -24.02
N TYR A 17 -5.66 -5.27 -24.05
CA TYR A 17 -5.12 -6.63 -24.23
C TYR A 17 -4.36 -6.71 -25.55
N ASP A 18 -4.98 -6.20 -26.63
CA ASP A 18 -4.31 -6.22 -27.94
C ASP A 18 -2.99 -5.47 -27.90
N SER A 19 -2.97 -4.29 -27.28
CA SER A 19 -1.70 -3.57 -27.25
C SER A 19 -0.71 -4.27 -26.30
N TYR A 20 -1.20 -4.92 -25.26
CA TYR A 20 -0.32 -5.68 -24.37
C TYR A 20 0.37 -6.81 -25.14
N ILE A 21 -0.40 -7.54 -25.95
CA ILE A 21 0.18 -8.65 -26.73
C ILE A 21 1.24 -8.09 -27.66
N LYS A 22 0.96 -6.92 -28.26
CA LYS A 22 1.91 -6.34 -29.20
C LYS A 22 3.18 -5.83 -28.50
N SER A 23 3.07 -5.41 -27.23
CA SER A 23 4.19 -4.74 -26.56
C SER A 23 5.12 -5.69 -25.81
N PHE A 24 4.59 -6.79 -25.30
CA PHE A 24 5.35 -7.67 -24.40
C PHE A 24 5.53 -9.00 -25.08
N PRO A 25 6.76 -9.33 -25.47
CA PRO A 25 6.96 -10.57 -26.26
C PRO A 25 6.73 -11.86 -25.46
N LEU A 26 6.93 -11.88 -24.15
CA LEU A 26 6.74 -13.13 -23.40
C LEU A 26 5.54 -12.97 -22.48
N THR A 27 4.40 -13.52 -22.89
CA THR A 27 3.16 -13.38 -22.13
C THR A 27 3.12 -14.38 -20.96
N LYS A 28 2.17 -14.14 -20.06
CA LYS A 28 1.94 -15.13 -19.00
C LYS A 28 1.52 -16.47 -19.58
N ALA A 29 0.66 -16.45 -20.62
CA ALA A 29 0.21 -17.69 -21.24
C ALA A 29 1.39 -18.49 -21.78
N LYS A 30 2.33 -17.84 -22.46
CA LYS A 30 3.48 -18.60 -22.97
C LYS A 30 4.38 -19.05 -21.82
N ALA A 31 4.59 -18.18 -20.84
CA ALA A 31 5.41 -18.53 -19.68
C ALA A 31 4.85 -19.74 -18.94
N ARG A 32 3.52 -19.81 -18.78
CA ARG A 32 2.93 -20.96 -18.11
C ARG A 32 3.08 -22.24 -18.93
N ALA A 33 2.94 -22.15 -20.26
CA ALA A 33 3.14 -23.33 -21.10
C ALA A 33 4.57 -23.84 -21.03
N ILE A 34 5.54 -22.94 -20.86
CA ILE A 34 6.92 -23.38 -20.67
C ILE A 34 7.10 -24.00 -19.28
N LEU A 35 6.54 -23.36 -18.26
CA LEU A 35 6.75 -23.83 -16.89
C LEU A 35 6.01 -25.14 -16.62
N THR A 36 4.81 -25.32 -17.17
CA THR A 36 4.08 -26.53 -16.85
C THR A 36 4.54 -27.71 -17.69
N GLY A 37 5.39 -27.46 -18.67
CA GLY A 37 5.98 -28.55 -19.43
C GLY A 37 4.95 -29.19 -20.33
N LYS A 38 4.94 -30.52 -20.33
CA LYS A 38 4.06 -31.31 -21.19
C LYS A 38 4.35 -31.09 -22.67
N THR A 39 5.50 -30.49 -22.98
CA THR A 39 5.90 -30.18 -24.34
C THR A 39 7.39 -30.47 -24.52
N THR A 40 7.77 -30.84 -25.75
CA THR A 40 9.17 -31.11 -26.10
C THR A 40 9.83 -29.90 -26.77
N LYS A 42 10.31 -26.26 -26.46
CA LYS A 42 9.75 -25.32 -25.50
C LYS A 42 10.37 -25.51 -24.09
N SER A 43 11.03 -26.65 -23.86
CA SER A 43 11.70 -26.92 -22.58
C SER A 43 12.87 -25.98 -22.29
N PRO A 44 12.88 -25.28 -21.15
CA PRO A 44 14.05 -24.45 -20.80
C PRO A 44 15.23 -25.24 -20.26
N PHE A 45 16.42 -24.71 -20.49
CA PHE A 45 17.61 -25.20 -19.79
C PHE A 45 17.63 -24.64 -18.37
N VAL A 46 17.90 -25.50 -17.38
CA VAL A 46 17.74 -25.16 -15.97
C VAL A 46 19.10 -24.90 -15.33
N ILE A 47 19.25 -23.68 -14.80
CA ILE A 47 20.45 -23.22 -14.12
C ILE A 47 20.18 -23.27 -12.63
N TYR A 48 20.91 -24.16 -11.93
CA TYR A 48 20.72 -24.40 -10.51
C TYR A 48 22.00 -24.37 -9.68
N ASP A 49 23.16 -24.21 -10.32
CA ASP A 49 24.44 -24.16 -9.64
C ASP A 49 25.46 -23.55 -10.59
N MET A 50 26.70 -23.47 -10.14
CA MET A 50 27.72 -22.78 -10.92
C MET A 50 28.04 -23.51 -12.22
N ASN A 51 28.11 -24.85 -12.18
CA ASN A 51 28.46 -25.59 -13.39
C ASN A 51 27.35 -25.48 -14.45
N SER A 52 26.08 -25.50 -14.04
CA SER A 52 25.01 -25.39 -15.02
C SER A 52 24.92 -23.96 -15.59
N LEU A 53 25.22 -22.94 -14.76
CA LEU A 53 25.33 -21.59 -15.32
C LEU A 53 26.33 -21.56 -16.46
N MET A 54 27.52 -22.14 -16.24
CA MET A 54 28.53 -22.19 -17.29
C MET A 54 28.01 -22.91 -18.54
N MET A 55 27.24 -23.99 -18.34
CA MET A 55 26.67 -24.70 -19.48
C MET A 55 25.51 -23.92 -20.10
N GLY A 56 24.75 -23.20 -19.28
CA GLY A 56 23.65 -22.40 -19.81
C GLY A 56 24.15 -21.29 -20.73
N GLU A 57 25.24 -20.64 -20.36
CA GLU A 57 25.80 -19.58 -21.20
C GLU A 57 26.26 -20.12 -22.55
N ASP A 58 26.62 -21.41 -22.60
CA ASP A 58 27.02 -22.04 -23.86
C ASP A 58 25.81 -22.39 -24.71
N LYS A 59 24.69 -22.76 -24.06
CA LYS A 59 23.48 -23.18 -24.74
C LYS A 59 22.50 -22.01 -24.96
N ILE A 60 22.19 -21.26 -23.90
CA ILE A 60 21.24 -20.16 -24.01
C ILE A 60 21.91 -18.96 -24.69
N LYS A 61 21.15 -18.33 -25.59
CA LYS A 61 21.56 -17.15 -26.36
C LYS A 61 21.13 -15.87 -25.65
N PHE A 62 21.94 -15.47 -24.66
CA PHE A 62 21.64 -14.31 -23.84
C PHE A 62 21.68 -13.02 -24.66
N LYS A 63 20.56 -12.29 -24.65
CA LYS A 63 20.46 -11.00 -25.34
C LYS A 63 21.22 -9.88 -24.63
N HIS A 64 21.39 -9.97 -23.31
CA HIS A 64 22.05 -8.89 -22.56
C HIS A 64 23.36 -9.36 -21.94
N GLU A 74 32.95 -12.25 -11.75
CA GLU A 74 32.16 -12.84 -10.66
C GLU A 74 30.71 -13.15 -11.10
N VAL A 75 30.18 -14.28 -10.62
CA VAL A 75 28.87 -14.74 -11.06
C VAL A 75 27.78 -13.80 -10.59
N ALA A 76 27.80 -13.42 -9.30
CA ALA A 76 26.75 -12.57 -8.76
C ALA A 76 26.64 -11.26 -9.54
N ILE A 77 27.77 -10.63 -9.83
CA ILE A 77 27.76 -9.37 -10.59
C ILE A 77 27.25 -9.58 -12.01
N ARG A 78 27.71 -10.66 -12.66
CA ARG A 78 27.24 -10.97 -14.01
C ARG A 78 25.73 -11.11 -14.04
N ILE A 79 25.19 -11.86 -13.08
CA ILE A 79 23.75 -12.05 -12.99
C ILE A 79 23.07 -10.74 -12.66
N PHE A 80 23.62 -9.99 -11.70
CA PHE A 80 23.04 -8.69 -11.36
C PHE A 80 23.04 -7.75 -12.57
N GLN A 81 24.20 -7.60 -13.23
CA GLN A 81 24.27 -6.67 -14.36
C GLN A 81 23.34 -7.11 -15.48
N GLY A 82 23.18 -8.42 -15.69
CA GLY A 82 22.24 -8.88 -16.69
C GLY A 82 20.82 -8.53 -16.33
N CYS A 83 20.44 -8.73 -15.07
N CYS A 83 20.44 -8.74 -15.07
CA CYS A 83 19.11 -8.37 -14.61
CA CYS A 83 19.10 -8.36 -14.61
C CYS A 83 18.81 -6.88 -14.85
C CYS A 83 18.83 -6.89 -14.89
N GLN A 84 19.82 -6.02 -14.61
CA GLN A 84 19.64 -4.59 -14.85
C GLN A 84 19.35 -4.31 -16.30
N PHE A 85 20.03 -5.00 -17.22
CA PHE A 85 19.79 -4.76 -18.63
C PHE A 85 18.43 -5.30 -19.06
N ARG A 86 18.00 -6.43 -18.49
CA ARG A 86 16.64 -6.89 -18.73
C ARG A 86 15.60 -5.91 -18.20
N SER A 87 15.87 -5.30 -17.04
CA SER A 87 14.95 -4.31 -16.49
C SER A 87 14.81 -3.11 -17.42
N VAL A 88 15.93 -2.66 -17.99
CA VAL A 88 15.92 -1.56 -18.95
C VAL A 88 15.09 -1.92 -20.16
N GLU A 89 15.25 -3.15 -20.68
CA GLU A 89 14.39 -3.60 -21.77
C GLU A 89 12.92 -3.59 -21.33
N ALA A 90 12.65 -4.01 -20.09
CA ALA A 90 11.29 -3.95 -19.58
C ALA A 90 10.76 -2.52 -19.52
N VAL A 91 11.58 -1.56 -19.09
CA VAL A 91 11.13 -0.16 -19.09
C VAL A 91 10.75 0.26 -20.51
N GLN A 92 11.53 -0.18 -21.49
CA GLN A 92 11.25 0.22 -22.88
C GLN A 92 9.91 -0.36 -23.35
N GLU A 93 9.66 -1.63 -23.03
CA GLU A 93 8.40 -2.27 -23.42
C GLU A 93 7.22 -1.67 -22.67
N ILE A 94 7.39 -1.39 -21.39
CA ILE A 94 6.32 -0.78 -20.61
C ILE A 94 6.01 0.62 -21.13
N THR A 95 7.05 1.35 -21.57
CA THR A 95 6.82 2.70 -22.10
C THR A 95 6.03 2.63 -23.40
N GLU A 96 6.37 1.68 -24.27
CA GLU A 96 5.62 1.48 -25.50
C GLU A 96 4.15 1.14 -25.21
N TYR A 97 3.91 0.24 -24.24
CA TYR A 97 2.55 -0.07 -23.81
C TYR A 97 1.84 1.19 -23.29
N ALA A 98 2.49 1.93 -22.40
CA ALA A 98 1.84 3.11 -21.82
C ALA A 98 1.32 4.07 -22.89
N LYS A 99 2.08 4.29 -23.95
CA LYS A 99 1.62 5.19 -25.01
C LYS A 99 0.32 4.73 -25.65
N SER A 100 0.00 3.43 -25.60
CA SER A 100 -1.25 2.97 -26.18
C SER A 100 -2.45 3.18 -25.25
N ILE A 101 -2.21 3.53 -23.98
CA ILE A 101 -3.32 3.65 -23.04
C ILE A 101 -4.09 4.92 -23.39
N PRO A 102 -5.37 4.83 -23.73
CA PRO A 102 -6.09 6.02 -24.23
C PRO A 102 -6.01 7.19 -23.26
N GLY A 103 -5.50 8.32 -23.75
CA GLY A 103 -5.37 9.52 -22.96
C GLY A 103 -3.97 9.79 -22.44
N PHE A 104 -3.11 8.76 -22.38
CA PHE A 104 -1.81 8.94 -21.73
C PHE A 104 -0.92 9.92 -22.48
N VAL A 105 -0.79 9.78 -23.81
CA VAL A 105 0.10 10.69 -24.52
C VAL A 105 -0.48 12.09 -24.62
N ASN A 106 -1.76 12.27 -24.27
CA ASN A 106 -2.35 13.61 -24.32
C ASN A 106 -2.11 14.41 -23.04
N LEU A 107 -1.60 13.76 -22.00
CA LEU A 107 -1.29 14.39 -20.75
C LEU A 107 -0.08 15.30 -20.90
N ASP A 108 0.02 16.26 -19.98
CA ASP A 108 1.24 17.03 -19.77
C ASP A 108 2.49 16.16 -19.80
N LEU A 109 3.50 16.60 -20.55
CA LEU A 109 4.67 15.75 -20.78
C LEU A 109 5.45 15.47 -19.50
N ASN A 110 5.51 16.45 -18.58
CA ASN A 110 6.17 16.19 -17.31
C ASN A 110 5.43 15.14 -16.49
N ASP A 111 4.09 15.12 -16.56
CA ASP A 111 3.33 14.11 -15.84
C ASP A 111 3.51 12.73 -16.47
N GLN A 112 3.63 12.65 -17.80
CA GLN A 112 3.94 11.37 -18.44
C GLN A 112 5.23 10.79 -17.87
N VAL A 113 6.28 11.62 -17.79
CA VAL A 113 7.54 11.17 -17.20
C VAL A 113 7.35 10.73 -15.75
N THR A 114 6.61 11.52 -14.96
CA THR A 114 6.37 11.19 -13.56
C THR A 114 5.60 9.87 -13.41
N LEU A 115 4.56 9.66 -14.23
CA LEU A 115 3.78 8.43 -14.14
C LEU A 115 4.64 7.21 -14.47
N LEU A 116 5.50 7.34 -15.47
CA LEU A 116 6.40 6.23 -15.82
C LEU A 116 7.46 6.02 -14.75
N LYS A 117 8.05 7.11 -14.26
CA LYS A 117 9.08 7.06 -13.23
C LYS A 117 8.68 6.23 -12.02
N TYR A 118 7.47 6.47 -11.51
CA TYR A 118 7.03 5.75 -10.33
C TYR A 118 6.27 4.47 -10.66
N GLY A 119 5.84 4.30 -11.90
CA GLY A 119 5.06 3.11 -12.20
C GLY A 119 5.84 1.93 -12.74
N VAL A 120 6.97 2.17 -13.43
CA VAL A 120 7.58 1.08 -14.19
C VAL A 120 8.04 -0.06 -13.29
N HIS A 121 8.58 0.24 -12.11
CA HIS A 121 9.07 -0.87 -11.28
C HIS A 121 7.93 -1.71 -10.72
N GLU A 122 6.85 -1.07 -10.29
CA GLU A 122 5.68 -1.80 -9.81
C GLU A 122 5.16 -2.72 -10.92
N ILE A 123 5.21 -2.25 -12.17
CA ILE A 123 4.78 -3.09 -13.28
C ILE A 123 5.78 -4.21 -13.52
N ILE A 124 7.08 -3.91 -13.46
CA ILE A 124 8.09 -4.95 -13.67
C ILE A 124 7.89 -6.10 -12.69
N TYR A 125 7.67 -5.79 -11.41
CA TYR A 125 7.46 -6.87 -10.44
C TYR A 125 6.14 -7.59 -10.67
N THR A 126 5.09 -6.87 -11.09
CA THR A 126 3.84 -7.55 -11.42
C THR A 126 4.05 -8.56 -12.53
N MET A 127 4.73 -8.15 -13.59
CA MET A 127 4.85 -8.97 -14.77
C MET A 127 5.90 -10.07 -14.56
N LEU A 128 6.94 -9.77 -13.77
CA LEU A 128 7.93 -10.77 -13.37
C LEU A 128 7.26 -11.97 -12.72
N ALA A 129 6.16 -11.76 -11.99
CA ALA A 129 5.48 -12.90 -11.37
C ALA A 129 4.96 -13.88 -12.40
N SER A 130 4.57 -13.40 -13.60
CA SER A 130 4.11 -14.31 -14.65
C SER A 130 5.20 -15.31 -15.03
N LEU A 131 6.47 -14.93 -14.88
CA LEU A 131 7.58 -15.79 -15.27
C LEU A 131 8.08 -16.66 -14.12
N MET A 132 7.39 -16.67 -12.99
CA MET A 132 7.91 -17.24 -11.77
C MET A 132 7.00 -18.34 -11.27
N ASN A 133 7.59 -19.34 -10.61
CA ASN A 133 6.83 -20.20 -9.71
C ASN A 133 7.60 -20.27 -8.41
N LYS A 134 7.21 -21.16 -7.49
CA LYS A 134 7.88 -21.21 -6.20
C LYS A 134 9.34 -21.66 -6.30
N ASP A 135 9.75 -22.26 -7.42
CA ASP A 135 11.08 -22.85 -7.54
C ASP A 135 12.07 -22.05 -8.38
N GLY A 136 11.61 -21.06 -9.16
CA GLY A 136 12.55 -20.25 -9.89
C GLY A 136 11.83 -19.39 -10.93
N VAL A 137 12.62 -18.83 -11.83
CA VAL A 137 12.14 -17.82 -12.77
C VAL A 137 12.68 -18.11 -14.17
N LEU A 138 11.82 -17.92 -15.17
CA LEU A 138 12.24 -18.00 -16.57
C LEU A 138 13.07 -16.79 -16.96
N ILE A 139 14.10 -17.05 -17.74
CA ILE A 139 15.01 -16.01 -18.20
C ILE A 139 15.24 -16.21 -19.69
N SER A 140 15.77 -15.16 -20.32
CA SER A 140 16.06 -15.12 -21.76
C SER A 140 14.89 -15.60 -22.60
N GLU A 141 13.77 -14.88 -22.49
CA GLU A 141 12.55 -15.17 -23.24
C GLU A 141 12.13 -16.62 -23.05
N GLY A 142 12.26 -17.12 -21.82
CA GLY A 142 11.83 -18.48 -21.53
C GLY A 142 12.78 -19.56 -22.00
N GLN A 143 13.96 -19.22 -22.53
CA GLN A 143 14.92 -20.24 -22.91
C GLN A 143 15.60 -20.87 -21.71
N GLY A 144 15.69 -20.13 -20.60
CA GLY A 144 16.36 -20.59 -19.41
C GLY A 144 15.41 -20.54 -18.22
N PHE A 145 15.83 -21.21 -17.16
CA PHE A 145 15.09 -21.22 -15.90
C PHE A 145 16.14 -21.26 -14.80
N MET A 146 16.21 -20.22 -13.99
CA MET A 146 17.18 -20.14 -12.91
C MET A 146 16.44 -20.38 -11.60
N THR A 147 16.96 -21.30 -10.77
CA THR A 147 16.23 -21.70 -9.58
C THR A 147 16.28 -20.61 -8.52
N ARG A 148 15.22 -20.57 -7.70
CA ARG A 148 15.17 -19.63 -6.58
C ARG A 148 16.30 -19.92 -5.60
N GLU A 149 16.62 -21.19 -5.38
CA GLU A 149 17.68 -21.54 -4.44
C GLU A 149 19.04 -21.08 -4.94
N PHE A 150 19.28 -21.14 -6.26
CA PHE A 150 20.58 -20.73 -6.75
C PHE A 150 20.76 -19.22 -6.57
N LEU A 151 19.71 -18.45 -6.84
CA LEU A 151 19.76 -17.00 -6.67
C LEU A 151 19.91 -16.63 -5.20
N LYS A 152 19.21 -17.33 -4.30
CA LYS A 152 19.32 -17.05 -2.87
C LYS A 152 20.72 -17.35 -2.35
N SER A 153 21.49 -18.17 -3.06
CA SER A 153 22.82 -18.59 -2.64
C SER A 153 23.94 -17.67 -3.14
N LEU A 154 23.63 -16.63 -3.89
CA LEU A 154 24.65 -15.67 -4.33
C LEU A 154 25.23 -14.91 -3.14
N ARG A 155 26.47 -14.45 -3.28
CA ARG A 155 27.22 -13.83 -2.19
C ARG A 155 26.66 -12.45 -1.83
N LYS A 156 27.29 -11.83 -0.81
CA LYS A 156 27.13 -10.44 -0.39
C LYS A 156 25.67 -10.10 -0.21
N PRO A 157 25.20 -8.96 -0.71
CA PRO A 157 23.76 -8.66 -0.66
C PRO A 157 22.97 -9.23 -1.83
N PHE A 158 23.65 -9.82 -2.81
CA PHE A 158 22.99 -10.24 -4.04
C PHE A 158 21.99 -11.36 -3.80
N GLY A 159 22.26 -12.23 -2.83
CA GLY A 159 21.35 -13.33 -2.54
C GLY A 159 19.97 -12.87 -2.12
N ASP A 160 19.88 -11.75 -1.41
CA ASP A 160 18.61 -11.23 -0.89
C ASP A 160 17.84 -10.41 -1.91
N PHE A 161 18.33 -10.25 -3.13
CA PHE A 161 17.65 -9.38 -4.08
C PHE A 161 16.38 -9.99 -4.64
N MET A 162 16.43 -11.26 -5.04
CA MET A 162 15.30 -11.83 -5.75
C MET A 162 14.26 -12.43 -4.81
N GLU A 163 14.68 -12.87 -3.63
CA GLU A 163 13.76 -13.60 -2.76
C GLU A 163 12.47 -12.85 -2.45
N PRO A 164 12.48 -11.54 -2.12
CA PRO A 164 11.19 -10.83 -1.97
C PRO A 164 10.32 -10.85 -3.22
N LYS A 165 10.93 -10.83 -4.40
CA LYS A 165 10.15 -10.94 -5.63
C LYS A 165 9.45 -12.29 -5.71
N PHE A 166 10.17 -13.37 -5.36
CA PHE A 166 9.55 -14.69 -5.34
C PHE A 166 8.42 -14.73 -4.33
N GLU A 167 8.62 -14.14 -3.14
CA GLU A 167 7.59 -14.16 -2.11
C GLU A 167 6.32 -13.49 -2.60
N PHE A 168 6.47 -12.32 -3.25
CA PHE A 168 5.31 -11.66 -3.85
C PHE A 168 4.67 -12.52 -4.93
N ALA A 169 5.47 -13.06 -5.84
CA ALA A 169 4.91 -13.77 -6.99
C ALA A 169 4.09 -14.99 -6.55
N VAL A 170 4.53 -15.69 -5.51
CA VAL A 170 3.78 -16.85 -5.04
C VAL A 170 2.37 -16.44 -4.60
N LYS A 171 2.28 -15.34 -3.86
CA LYS A 171 0.98 -14.80 -3.46
C LYS A 171 0.21 -14.22 -4.65
N PHE A 172 0.88 -13.42 -5.48
CA PHE A 172 0.16 -12.80 -6.61
C PHE A 172 -0.39 -13.86 -7.57
N ASN A 173 0.40 -14.92 -7.84
CA ASN A 173 -0.01 -15.94 -8.79
C ASN A 173 -1.18 -16.78 -8.30
N ALA A 174 -1.41 -16.81 -6.97
CA ALA A 174 -2.58 -17.48 -6.42
C ALA A 174 -3.89 -16.83 -6.87
N LEU A 175 -3.84 -15.57 -7.33
CA LEU A 175 -5.03 -14.94 -7.87
C LEU A 175 -5.41 -15.50 -9.24
N GLU A 176 -4.49 -16.18 -9.93
CA GLU A 176 -4.78 -16.83 -11.22
C GLU A 176 -5.22 -15.83 -12.29
N LEU A 177 -4.57 -14.68 -12.34
CA LEU A 177 -4.87 -13.71 -13.38
C LEU A 177 -4.31 -14.19 -14.73
N ASP A 178 -4.97 -13.79 -15.81
CA ASP A 178 -4.37 -14.02 -17.13
C ASP A 178 -3.97 -12.70 -17.77
N ASP A 179 -3.37 -12.81 -18.96
CA ASP A 179 -2.83 -11.62 -19.61
C ASP A 179 -3.90 -10.55 -19.84
N SER A 180 -5.13 -10.97 -20.18
CA SER A 180 -6.18 -9.99 -20.44
C SER A 180 -6.57 -9.22 -19.19
N ASP A 181 -6.52 -9.87 -18.01
CA ASP A 181 -6.69 -9.14 -16.76
C ASP A 181 -5.50 -8.24 -16.51
N LEU A 182 -4.29 -8.79 -16.71
CA LEU A 182 -3.07 -8.06 -16.38
C LEU A 182 -2.94 -6.81 -17.24
N ALA A 183 -3.38 -6.89 -18.49
CA ALA A 183 -3.25 -5.72 -19.35
C ALA A 183 -3.94 -4.52 -18.71
N ILE A 184 -5.12 -4.71 -18.13
CA ILE A 184 -5.82 -3.56 -17.53
C ILE A 184 -5.22 -3.19 -16.18
N PHE A 185 -4.81 -4.19 -15.41
CA PHE A 185 -4.24 -3.93 -14.10
C PHE A 185 -2.99 -3.07 -14.23
N ILE A 186 -2.15 -3.38 -15.21
CA ILE A 186 -0.92 -2.61 -15.42
C ILE A 186 -1.24 -1.18 -15.81
N ALA A 187 -2.27 -0.98 -16.65
CA ALA A 187 -2.70 0.36 -17.02
C ALA A 187 -3.14 1.14 -15.80
N VAL A 188 -3.88 0.46 -14.91
CA VAL A 188 -4.35 1.11 -13.68
C VAL A 188 -3.17 1.62 -12.87
N ILE A 189 -2.10 0.81 -12.76
CA ILE A 189 -0.91 1.21 -12.00
C ILE A 189 -0.28 2.46 -12.60
N ILE A 190 -0.13 2.52 -13.93
CA ILE A 190 0.54 3.67 -14.54
C ILE A 190 -0.24 4.96 -14.30
N LEU A 191 -1.56 4.90 -14.44
CA LEU A 191 -2.40 6.10 -14.36
C LEU A 191 -2.80 6.39 -12.92
N SER A 192 -1.79 6.48 -12.05
CA SER A 192 -1.96 6.71 -10.63
C SER A 192 -1.89 8.20 -10.32
N GLY A 193 -2.99 8.78 -9.85
CA GLY A 193 -2.97 10.19 -9.53
C GLY A 193 -2.26 10.58 -8.25
N ASP A 194 -1.72 9.63 -7.50
CA ASP A 194 -1.09 9.93 -6.21
C ASP A 194 0.44 9.89 -6.29
N ARG A 195 1.00 9.86 -7.50
CA ARG A 195 2.44 9.90 -7.66
C ARG A 195 2.96 11.28 -7.23
N PRO A 196 4.11 11.33 -6.55
CA PRO A 196 4.64 12.63 -6.11
C PRO A 196 5.03 13.50 -7.30
N GLY A 197 4.71 14.80 -7.19
CA GLY A 197 5.12 15.77 -8.18
C GLY A 197 4.21 15.93 -9.39
N LEU A 198 3.04 15.29 -9.41
CA LEU A 198 2.13 15.44 -10.53
C LEU A 198 1.58 16.86 -10.58
N LEU A 199 1.46 17.41 -11.79
CA LEU A 199 0.99 18.77 -12.01
C LEU A 199 -0.52 18.85 -12.19
N ASN A 200 -1.11 17.86 -12.87
CA ASN A 200 -2.52 17.84 -13.29
C ASN A 200 -3.14 16.54 -12.83
N VAL A 201 -3.58 16.48 -11.57
CA VAL A 201 -4.07 15.19 -11.08
C VAL A 201 -5.41 14.83 -11.73
N LYS A 202 -6.25 15.82 -11.99
CA LYS A 202 -7.61 15.56 -12.48
C LYS A 202 -7.65 14.71 -13.75
N PRO A 203 -6.95 15.04 -14.84
CA PRO A 203 -7.07 14.21 -16.04
C PRO A 203 -6.47 12.81 -15.89
N ILE A 204 -5.48 12.64 -15.02
CA ILE A 204 -4.98 11.30 -14.73
C ILE A 204 -6.05 10.47 -14.02
N GLU A 205 -6.70 11.06 -13.00
CA GLU A 205 -7.71 10.31 -12.28
C GLU A 205 -8.92 9.99 -13.14
N ASP A 206 -9.27 10.87 -14.08
CA ASP A 206 -10.37 10.54 -14.98
C ASP A 206 -10.04 9.33 -15.85
N ILE A 207 -8.80 9.24 -16.34
CA ILE A 207 -8.44 8.04 -17.09
C ILE A 207 -8.44 6.83 -16.19
N GLN A 208 -7.89 6.96 -14.98
CA GLN A 208 -7.82 5.79 -14.09
C GLN A 208 -9.20 5.30 -13.74
N ASP A 209 -10.16 6.22 -13.58
CA ASP A 209 -11.52 5.83 -13.24
C ASP A 209 -12.10 4.93 -14.32
N ASN A 210 -11.91 5.27 -15.59
CA ASN A 210 -12.33 4.41 -16.69
C ASN A 210 -11.59 3.07 -16.66
N LEU A 211 -10.29 3.10 -16.44
CA LEU A 211 -9.52 1.86 -16.37
C LEU A 211 -10.00 0.98 -15.21
N LEU A 212 -10.35 1.59 -14.10
CA LEU A 212 -10.83 0.82 -12.94
C LEU A 212 -12.20 0.20 -13.25
N GLN A 213 -13.10 0.98 -13.87
CA GLN A 213 -14.38 0.41 -14.30
C GLN A 213 -14.15 -0.76 -15.25
N ALA A 214 -13.18 -0.63 -16.16
CA ALA A 214 -12.93 -1.70 -17.12
C ALA A 214 -12.31 -2.92 -16.44
N LEU A 215 -11.46 -2.70 -15.45
CA LEU A 215 -10.87 -3.82 -14.72
C LEU A 215 -11.95 -4.55 -13.92
N GLU A 216 -12.83 -3.79 -13.26
CA GLU A 216 -13.89 -4.38 -12.46
C GLU A 216 -14.78 -5.30 -13.30
N LEU A 217 -15.26 -4.79 -14.44
CA LEU A 217 -16.08 -5.61 -15.33
C LEU A 217 -15.31 -6.79 -15.90
N GLN A 218 -14.05 -6.58 -16.29
CA GLN A 218 -13.21 -7.68 -16.78
C GLN A 218 -13.11 -8.83 -15.77
N LEU A 219 -12.86 -8.48 -14.51
CA LEU A 219 -12.69 -9.53 -13.51
C LEU A 219 -14.02 -10.24 -13.22
N LYS A 220 -15.14 -9.52 -13.29
CA LYS A 220 -16.43 -10.15 -13.06
C LYS A 220 -16.80 -11.12 -14.17
N LEU A 221 -16.50 -10.77 -15.42
CA LEU A 221 -16.82 -11.66 -16.54
C LEU A 221 -15.85 -12.82 -16.64
N ASN A 222 -14.56 -12.58 -16.39
CA ASN A 222 -13.52 -13.58 -16.60
C ASN A 222 -13.31 -14.47 -15.38
N HIS A 223 -13.63 -13.98 -14.18
CA HIS A 223 -13.51 -14.77 -12.95
C HIS A 223 -14.80 -14.66 -12.13
N PRO A 224 -15.91 -15.15 -12.67
CA PRO A 224 -17.20 -14.94 -12.00
C PRO A 224 -17.31 -15.58 -10.63
N GLU A 225 -16.50 -16.60 -10.32
CA GLU A 225 -16.56 -17.29 -9.04
C GLU A 225 -15.55 -16.75 -8.03
N SER A 226 -14.66 -15.86 -8.45
CA SER A 226 -13.61 -15.32 -7.59
C SER A 226 -14.16 -14.09 -6.90
N SER A 227 -14.77 -14.29 -5.73
CA SER A 227 -15.45 -13.22 -5.01
C SER A 227 -14.47 -12.11 -4.64
N GLN A 228 -14.87 -10.87 -4.92
CA GLN A 228 -14.09 -9.67 -4.56
C GLN A 228 -12.66 -9.75 -5.06
N LEU A 229 -12.45 -10.39 -6.23
CA LEU A 229 -11.11 -10.42 -6.82
C LEU A 229 -10.63 -9.01 -7.14
N PHE A 230 -11.54 -8.12 -7.53
CA PHE A 230 -11.17 -6.73 -7.81
C PHE A 230 -10.53 -6.10 -6.60
N ALA A 231 -11.20 -6.18 -5.45
CA ALA A 231 -10.65 -5.66 -4.20
C ALA A 231 -9.32 -6.33 -3.83
N LYS A 232 -9.23 -7.66 -3.96
CA LYS A 232 -7.99 -8.34 -3.61
C LYS A 232 -6.84 -7.94 -4.53
N LEU A 233 -7.14 -7.70 -5.82
CA LEU A 233 -6.07 -7.26 -6.72
C LEU A 233 -5.57 -5.86 -6.34
N LEU A 234 -6.48 -4.93 -6.04
CA LEU A 234 -6.07 -3.58 -5.65
C LEU A 234 -5.25 -3.59 -4.37
N GLN A 235 -5.59 -4.48 -3.43
CA GLN A 235 -4.79 -4.61 -2.22
C GLN A 235 -3.37 -5.07 -2.53
N LYS A 236 -3.16 -5.78 -3.65
CA LYS A 236 -1.80 -6.17 -4.01
C LYS A 236 -0.95 -4.99 -4.39
N MET A 237 -1.57 -3.87 -4.78
CA MET A 237 -0.80 -2.67 -5.05
C MET A 237 -0.01 -2.24 -3.83
N THR A 238 -0.47 -2.60 -2.62
CA THR A 238 0.29 -2.37 -1.41
C THR A 238 1.56 -3.21 -1.36
N ASP A 239 1.47 -4.49 -1.73
CA ASP A 239 2.67 -5.33 -1.73
C ASP A 239 3.69 -4.80 -2.73
N LEU A 240 3.22 -4.31 -3.89
CA LEU A 240 4.14 -3.83 -4.93
C LEU A 240 4.95 -2.64 -4.43
N ARG A 241 4.26 -1.65 -3.87
CA ARG A 241 4.94 -0.49 -3.29
C ARG A 241 6.00 -0.91 -2.28
N GLN A 242 5.72 -1.92 -1.46
CA GLN A 242 6.66 -2.31 -0.42
C GLN A 242 7.95 -2.86 -1.03
N ILE A 243 7.84 -3.72 -2.03
CA ILE A 243 9.04 -4.36 -2.56
C ILE A 243 9.86 -3.36 -3.37
N VAL A 244 9.22 -2.39 -4.01
CA VAL A 244 9.98 -1.35 -4.70
C VAL A 244 10.85 -0.57 -3.72
N THR A 245 10.30 -0.24 -2.54
CA THR A 245 11.06 0.46 -1.51
C THR A 245 12.22 -0.39 -0.99
N GLU A 246 11.96 -1.68 -0.71
CA GLU A 246 13.04 -2.58 -0.34
C GLU A 246 14.12 -2.60 -1.42
N HIS A 247 13.70 -2.70 -2.67
CA HIS A 247 14.65 -2.74 -3.77
C HIS A 247 15.56 -1.52 -3.78
N VAL A 248 14.98 -0.33 -3.63
CA VAL A 248 15.77 0.90 -3.68
C VAL A 248 16.82 0.90 -2.57
N GLN A 249 16.43 0.52 -1.36
CA GLN A 249 17.39 0.49 -0.25
C GLN A 249 18.46 -0.57 -0.47
N LEU A 250 18.12 -1.68 -1.14
CA LEU A 250 19.13 -2.70 -1.41
C LEU A 250 20.19 -2.19 -2.37
N LEU A 251 19.79 -1.45 -3.42
CA LEU A 251 20.78 -0.93 -4.36
C LEU A 251 21.72 0.05 -3.68
N GLN A 252 21.21 0.84 -2.73
CA GLN A 252 22.07 1.80 -2.04
C GLN A 252 23.22 1.09 -1.32
N VAL A 253 22.97 -0.08 -0.73
CA VAL A 253 24.06 -0.82 -0.11
C VAL A 253 25.09 -1.23 -1.15
N ILE A 254 24.62 -1.64 -2.35
CA ILE A 254 25.55 -2.00 -3.42
C ILE A 254 26.33 -0.79 -3.90
N LYS A 255 25.67 0.36 -4.04
CA LYS A 255 26.37 1.56 -4.48
C LYS A 255 27.51 1.90 -3.52
N LYS A 256 27.31 1.66 -2.22
CA LYS A 256 28.37 1.97 -1.25
C LYS A 256 29.36 0.82 -1.09
N THR A 257 28.94 -0.42 -1.35
CA THR A 257 29.83 -1.55 -1.18
C THR A 257 30.56 -1.89 -2.48
N GLU A 258 29.84 -1.96 -3.59
CA GLU A 258 30.44 -2.27 -4.88
C GLU A 258 30.64 -0.92 -5.56
N THR A 259 31.86 -0.39 -5.53
CA THR A 259 32.12 0.93 -6.07
C THR A 259 32.52 0.90 -7.54
N ASP A 260 32.85 -0.29 -8.04
CA ASP A 260 33.21 -0.50 -9.43
C ASP A 260 32.04 -1.03 -10.26
N MET A 261 30.82 -0.96 -9.73
CA MET A 261 29.63 -1.50 -10.39
C MET A 261 28.82 -0.36 -10.97
N SER A 262 28.66 -0.35 -12.29
CA SER A 262 27.91 0.71 -12.95
C SER A 262 26.42 0.39 -12.95
N LEU A 263 25.61 1.43 -12.89
CA LEU A 263 24.17 1.27 -13.03
C LEU A 263 23.78 1.95 -14.34
N HIS A 264 22.76 1.39 -15.01
CA HIS A 264 22.30 1.95 -16.28
C HIS A 264 21.73 3.36 -16.08
N PRO A 265 22.08 4.31 -16.95
CA PRO A 265 21.59 5.69 -16.76
C PRO A 265 20.08 5.82 -16.67
N LEU A 266 19.33 5.01 -17.42
CA LEU A 266 17.88 5.07 -17.36
C LEU A 266 17.37 4.64 -15.98
N LEU A 267 17.96 3.58 -15.44
CA LEU A 267 17.64 3.16 -14.08
C LEU A 267 18.10 4.19 -13.06
N GLN A 268 19.27 4.79 -13.29
CA GLN A 268 19.76 5.85 -12.40
C GLN A 268 18.73 6.96 -12.26
N GLU A 269 18.17 7.40 -13.39
CA GLU A 269 17.21 8.50 -13.39
C GLU A 269 15.91 8.10 -12.71
N ILE A 270 15.43 6.87 -12.94
CA ILE A 270 14.19 6.42 -12.31
C ILE A 270 14.31 6.41 -10.78
N TYR A 271 15.43 5.90 -10.24
CA TYR A 271 15.53 5.75 -8.79
C TYR A 271 15.87 7.07 -8.10
N LYS A 272 16.27 8.09 -8.83
CA LYS A 272 16.66 9.36 -8.24
C LYS A 272 15.47 10.05 -7.61
N ASP A 273 15.56 10.31 -6.30
CA ASP A 273 14.57 11.11 -5.57
C ASP A 273 13.19 10.45 -5.57
N LEU A 274 13.17 9.13 -5.61
CA LEU A 274 11.91 8.39 -5.65
C LEU A 274 11.15 8.53 -4.32
N MET B 4 -24.19 -13.74 -0.38
CA MET B 4 -24.41 -12.54 0.42
C MET B 4 -25.35 -11.57 -0.28
N GLU B 5 -26.56 -11.48 0.26
CA GLU B 5 -27.63 -10.64 -0.27
C GLU B 5 -27.47 -9.20 0.20
N SER B 6 -28.12 -8.29 -0.54
CA SER B 6 -28.02 -6.86 -0.27
C SER B 6 -28.52 -6.52 1.14
N ALA B 7 -29.65 -7.08 1.54
CA ALA B 7 -30.18 -6.81 2.88
C ALA B 7 -29.22 -7.29 3.97
N ASP B 8 -28.54 -8.41 3.72
CA ASP B 8 -27.52 -8.88 4.67
C ASP B 8 -26.35 -7.90 4.75
N LEU B 9 -25.96 -7.33 3.61
CA LEU B 9 -24.87 -6.36 3.59
C LEU B 9 -25.27 -5.08 4.30
N ARG B 10 -26.50 -4.62 4.09
CA ARG B 10 -27.02 -3.44 4.78
C ARG B 10 -27.13 -3.69 6.29
N ALA B 11 -27.60 -4.88 6.68
CA ALA B 11 -27.64 -5.22 8.09
C ALA B 11 -26.24 -5.20 8.70
N LEU B 12 -25.26 -5.75 7.98
CA LEU B 12 -23.89 -5.75 8.47
C LEU B 12 -23.35 -4.32 8.56
N ALA B 13 -23.64 -3.49 7.56
CA ALA B 13 -23.20 -2.10 7.61
C ALA B 13 -23.77 -1.37 8.81
N LYS B 14 -25.07 -1.56 9.08
CA LYS B 14 -25.72 -0.84 10.18
C LYS B 14 -25.21 -1.33 11.54
N HIS B 15 -25.04 -2.65 11.68
CA HIS B 15 -24.46 -3.21 12.90
C HIS B 15 -23.13 -2.56 13.23
N LEU B 16 -22.26 -2.44 12.22
CA LEU B 16 -20.94 -1.87 12.45
C LEU B 16 -21.03 -0.38 12.77
N TYR B 17 -21.90 0.36 12.07
CA TYR B 17 -22.07 1.78 12.39
C TYR B 17 -22.51 1.96 13.83
N ASP B 18 -23.53 1.19 14.26
CA ASP B 18 -24.01 1.29 15.63
C ASP B 18 -22.89 1.02 16.63
N SER B 19 -22.08 0.00 16.38
CA SER B 19 -21.02 -0.34 17.31
C SER B 19 -19.89 0.69 17.28
N TYR B 20 -19.62 1.23 16.09
CA TYR B 20 -18.60 2.26 15.93
C TYR B 20 -18.95 3.49 16.75
N ILE B 21 -20.24 3.87 16.77
CA ILE B 21 -20.70 5.03 17.54
C ILE B 21 -20.48 4.80 19.03
N LYS B 22 -20.74 3.58 19.51
CA LYS B 22 -20.59 3.29 20.93
C LYS B 22 -19.13 3.17 21.37
N SER B 23 -18.22 2.77 20.47
CA SER B 23 -16.86 2.45 20.88
C SER B 23 -15.92 3.65 20.89
N PHE B 24 -16.21 4.65 20.09
CA PHE B 24 -15.28 5.75 19.90
C PHE B 24 -15.84 7.04 20.48
N PRO B 25 -15.04 7.80 21.23
CA PRO B 25 -15.62 8.92 22.00
C PRO B 25 -16.07 10.09 21.14
N LEU B 26 -15.39 10.40 20.05
CA LEU B 26 -15.73 11.55 19.22
C LEU B 26 -15.90 11.09 17.78
N THR B 27 -17.13 11.15 17.25
CA THR B 27 -17.35 10.72 15.87
C THR B 27 -16.82 11.75 14.87
N LYS B 28 -16.67 11.32 13.61
CA LYS B 28 -16.26 12.28 12.58
C LYS B 28 -17.29 13.40 12.44
N ALA B 29 -18.59 13.07 12.49
CA ALA B 29 -19.63 14.08 12.34
C ALA B 29 -19.49 15.15 13.40
N LYS B 30 -19.31 14.75 14.66
CA LYS B 30 -19.17 15.74 15.72
C LYS B 30 -17.87 16.52 15.58
N ALA B 31 -16.79 15.83 15.21
CA ALA B 31 -15.51 16.51 15.00
C ALA B 31 -15.59 17.56 13.90
N ARG B 32 -16.26 17.24 12.79
CA ARG B 32 -16.37 18.20 11.68
C ARG B 32 -17.18 19.43 12.12
N ALA B 33 -18.20 19.23 12.95
CA ALA B 33 -18.97 20.37 13.46
C ALA B 33 -18.09 21.30 14.30
N ILE B 34 -17.15 20.73 15.07
CA ILE B 34 -16.26 21.58 15.84
C ILE B 34 -15.25 22.27 14.92
N LEU B 35 -14.69 21.53 13.96
CA LEU B 35 -13.61 22.07 13.15
C LEU B 35 -14.10 23.17 12.21
N THR B 36 -15.33 23.04 11.68
CA THR B 36 -15.86 24.00 10.72
C THR B 36 -16.50 25.21 11.40
N GLY B 37 -16.61 25.18 12.72
CA GLY B 37 -17.24 26.28 13.43
C GLY B 37 -18.75 26.28 13.38
N LYS B 38 -19.37 25.14 13.08
CA LYS B 38 -20.82 25.05 13.02
C LYS B 38 -21.36 24.47 14.33
N LYS B 42 -19.52 26.40 22.48
CA LYS B 42 -18.46 25.74 23.22
C LYS B 42 -17.22 25.61 22.33
N SER B 43 -16.70 26.75 21.90
CA SER B 43 -15.51 26.79 21.05
C SER B 43 -14.36 26.08 21.77
N PRO B 44 -13.66 25.15 21.11
CA PRO B 44 -12.57 24.44 21.82
C PRO B 44 -11.49 25.41 22.27
N PHE B 45 -10.77 25.02 23.32
CA PHE B 45 -9.62 25.80 23.73
C PHE B 45 -8.49 25.58 22.74
N VAL B 46 -7.87 26.66 22.26
CA VAL B 46 -6.92 26.54 21.16
C VAL B 46 -5.51 26.66 21.72
N ILE B 47 -4.69 25.68 21.41
CA ILE B 47 -3.27 25.66 21.77
C ILE B 47 -2.50 26.02 20.50
N TYR B 48 -1.90 27.21 20.48
CA TYR B 48 -1.19 27.67 19.30
C TYR B 48 0.23 28.09 19.60
N ASP B 49 0.64 28.06 20.87
CA ASP B 49 2.00 28.42 21.28
C ASP B 49 2.23 27.91 22.71
N MET B 50 3.39 28.28 23.28
CA MET B 50 3.80 27.79 24.58
C MET B 50 2.88 28.31 25.69
N ASN B 51 2.53 29.60 25.62
CA ASN B 51 1.73 30.22 26.68
C ASN B 51 0.32 29.66 26.71
N SER B 52 -0.26 29.38 25.54
CA SER B 52 -1.59 28.81 25.49
C SER B 52 -1.59 27.35 25.93
N LEU B 53 -0.52 26.62 25.57
CA LEU B 53 -0.35 25.27 26.12
C LEU B 53 -0.40 25.31 27.64
N MET B 54 0.41 26.18 28.26
CA MET B 54 0.45 26.29 29.72
C MET B 54 -0.92 26.65 30.29
N MET B 55 -1.66 27.54 29.61
CA MET B 55 -2.99 27.89 30.12
C MET B 55 -3.97 26.74 29.93
N GLY B 56 -3.83 25.98 28.85
CA GLY B 56 -4.68 24.81 28.65
C GLY B 56 -4.47 23.75 29.72
N GLU B 57 -3.20 23.49 30.08
CA GLU B 57 -2.92 22.53 31.13
C GLU B 57 -3.46 23.00 32.47
N ASP B 58 -3.51 24.32 32.68
CA ASP B 58 -3.98 24.85 33.96
C ASP B 58 -5.49 24.89 34.05
N LYS B 59 -6.18 25.22 32.95
CA LYS B 59 -7.63 25.39 32.99
C LYS B 59 -8.36 24.12 32.59
N ILE B 60 -8.08 23.60 31.40
CA ILE B 60 -8.74 22.38 30.93
C ILE B 60 -8.10 21.15 31.53
N LYS B 61 -6.83 21.25 31.93
CA LYS B 61 -6.07 20.12 32.48
C LYS B 61 -6.23 18.89 31.59
N PHE B 62 -5.65 19.01 30.39
CA PHE B 62 -5.78 17.93 29.43
C PHE B 62 -5.03 16.74 29.95
N LYS B 63 -5.74 15.63 30.13
CA LYS B 63 -4.92 14.49 30.45
C LYS B 63 -4.11 14.08 29.20
N HIS B 64 -3.00 13.37 29.47
CA HIS B 64 -1.91 12.94 28.58
C HIS B 64 -1.03 14.11 28.21
N ILE B 65 -1.34 15.38 28.51
CA ILE B 65 -0.38 16.44 28.22
C ILE B 65 0.05 17.19 29.48
N THR B 66 -0.40 16.72 30.63
CA THR B 66 -0.06 17.31 31.93
C THR B 66 1.37 17.83 32.07
N SER B 72 9.95 14.44 31.94
CA SER B 72 10.67 15.56 31.35
C SER B 72 9.84 16.83 31.39
N LYS B 73 10.51 17.97 31.52
CA LYS B 73 9.82 19.25 31.50
C LYS B 73 9.83 19.89 30.13
N GLU B 74 10.50 19.28 29.14
CA GLU B 74 10.57 19.90 27.83
C GLU B 74 9.23 19.73 27.12
N VAL B 75 8.79 20.81 26.47
CA VAL B 75 7.43 20.82 25.91
C VAL B 75 7.33 19.82 24.77
N ALA B 76 8.31 19.84 23.86
CA ALA B 76 8.24 18.98 22.68
C ALA B 76 8.11 17.52 23.08
N ILE B 77 8.90 17.11 24.08
CA ILE B 77 8.82 15.74 24.57
C ILE B 77 7.44 15.48 25.18
N ARG B 78 6.97 16.43 25.99
CA ARG B 78 5.67 16.28 26.62
C ARG B 78 4.56 16.09 25.61
N ILE B 79 4.56 16.89 24.54
CA ILE B 79 3.53 16.76 23.51
C ILE B 79 3.65 15.40 22.83
N PHE B 80 4.87 15.02 22.47
CA PHE B 80 5.11 13.71 21.84
C PHE B 80 4.59 12.57 22.70
N GLN B 81 4.94 12.56 24.00
CA GLN B 81 4.47 11.49 24.86
C GLN B 81 2.96 11.51 24.98
N GLY B 82 2.37 12.70 24.91
CA GLY B 82 0.91 12.81 24.96
C GLY B 82 0.23 12.16 23.78
N CYS B 83 0.83 12.28 22.58
CA CYS B 83 0.34 11.51 21.44
C CYS B 83 0.44 10.02 21.73
N GLN B 84 1.56 9.58 22.28
CA GLN B 84 1.72 8.16 22.62
C GLN B 84 0.66 7.72 23.62
N PHE B 85 0.38 8.56 24.61
CA PHE B 85 -0.59 8.15 25.64
C PHE B 85 -2.01 8.06 25.09
N ARG B 86 -2.42 9.03 24.25
CA ARG B 86 -3.73 8.91 23.62
C ARG B 86 -3.83 7.68 22.70
N SER B 87 -2.75 7.36 21.98
CA SER B 87 -2.78 6.20 21.08
C SER B 87 -3.02 4.90 21.84
N VAL B 88 -2.41 4.77 23.02
CA VAL B 88 -2.67 3.62 23.87
C VAL B 88 -4.14 3.54 24.27
N GLU B 89 -4.75 4.67 24.63
CA GLU B 89 -6.19 4.68 24.90
C GLU B 89 -6.97 4.24 23.66
N ALA B 90 -6.60 4.77 22.48
CA ALA B 90 -7.27 4.40 21.24
C ALA B 90 -7.22 2.90 21.00
N VAL B 91 -6.09 2.26 21.31
CA VAL B 91 -5.97 0.81 21.09
C VAL B 91 -7.07 0.06 21.81
N GLN B 92 -7.41 0.48 23.04
CA GLN B 92 -8.46 -0.21 23.78
C GLN B 92 -9.82 0.01 23.14
N GLU B 93 -10.08 1.21 22.60
CA GLU B 93 -11.36 1.41 21.91
C GLU B 93 -11.44 0.56 20.65
N ILE B 94 -10.34 0.46 19.90
CA ILE B 94 -10.31 -0.35 18.68
C ILE B 94 -10.53 -1.81 19.02
N THR B 95 -9.98 -2.26 20.15
CA THR B 95 -10.11 -3.65 20.57
C THR B 95 -11.56 -3.99 20.90
N GLU B 96 -12.25 -3.10 21.62
CA GLU B 96 -13.66 -3.27 21.89
C GLU B 96 -14.49 -3.27 20.60
N TYR B 97 -14.22 -2.33 19.68
CA TYR B 97 -14.92 -2.32 18.40
C TYR B 97 -14.74 -3.64 17.63
N ALA B 98 -13.50 -4.13 17.56
CA ALA B 98 -13.23 -5.38 16.84
C ALA B 98 -14.14 -6.52 17.27
N LYS B 99 -14.40 -6.63 18.57
CA LYS B 99 -15.23 -7.71 19.07
C LYS B 99 -16.65 -7.69 18.53
N SER B 100 -17.13 -6.54 18.08
CA SER B 100 -18.46 -6.47 17.49
C SER B 100 -18.48 -6.92 16.03
N ILE B 101 -17.33 -7.10 15.40
CA ILE B 101 -17.31 -7.51 14.01
C ILE B 101 -17.72 -8.99 13.92
N PRO B 102 -18.83 -9.32 13.20
CA PRO B 102 -19.29 -10.73 13.18
C PRO B 102 -18.18 -11.67 12.74
N GLY B 103 -17.90 -12.68 13.56
CA GLY B 103 -16.88 -13.67 13.28
C GLY B 103 -15.57 -13.46 14.01
N PHE B 104 -15.28 -12.23 14.46
CA PHE B 104 -13.95 -11.91 14.99
C PHE B 104 -13.66 -12.69 16.27
N VAL B 105 -14.60 -12.73 17.21
CA VAL B 105 -14.32 -13.41 18.48
C VAL B 105 -14.30 -14.91 18.32
N ASN B 106 -14.79 -15.42 17.19
CA ASN B 106 -14.75 -16.85 16.92
C ASN B 106 -13.43 -17.27 16.32
N LEU B 107 -12.56 -16.31 16.00
CA LEU B 107 -11.26 -16.65 15.49
C LEU B 107 -10.38 -17.20 16.60
N ASP B 108 -9.39 -17.98 16.20
CA ASP B 108 -8.28 -18.37 17.06
C ASP B 108 -7.79 -17.18 17.88
N LEU B 109 -7.64 -17.38 19.18
CA LEU B 109 -7.35 -16.27 20.07
C LEU B 109 -6.02 -15.61 19.74
N ASN B 110 -5.02 -16.40 19.33
CA ASN B 110 -3.74 -15.83 18.92
C ASN B 110 -3.89 -15.00 17.65
N ASP B 111 -4.78 -15.43 16.74
CA ASP B 111 -5.02 -14.66 15.52
C ASP B 111 -5.74 -13.35 15.83
N GLN B 112 -6.66 -13.36 16.81
CA GLN B 112 -7.26 -12.09 17.25
C GLN B 112 -6.19 -11.10 17.70
N VAL B 113 -5.27 -11.55 18.57
CA VAL B 113 -4.21 -10.68 19.07
C VAL B 113 -3.33 -10.18 17.93
N THR B 114 -2.95 -11.07 17.02
CA THR B 114 -2.10 -10.69 15.89
C THR B 114 -2.78 -9.66 14.98
N LEU B 115 -4.08 -9.84 14.70
CA LEU B 115 -4.78 -8.89 13.85
C LEU B 115 -4.82 -7.50 14.49
N LEU B 116 -5.04 -7.44 15.80
CA LEU B 116 -5.06 -6.15 16.48
C LEU B 116 -3.66 -5.56 16.56
N LYS B 117 -2.68 -6.37 16.95
CA LYS B 117 -1.29 -5.91 17.07
C LYS B 117 -0.81 -5.22 15.79
N TYR B 118 -1.06 -5.85 14.65
CA TYR B 118 -0.60 -5.29 13.39
C TYR B 118 -1.57 -4.34 12.71
N GLY B 119 -2.81 -4.21 13.19
CA GLY B 119 -3.77 -3.32 12.56
C GLY B 119 -3.92 -1.95 13.22
N VAL B 120 -3.60 -1.86 14.53
CA VAL B 120 -3.91 -0.64 15.30
C VAL B 120 -3.19 0.58 14.76
N HIS B 121 -1.97 0.43 14.23
CA HIS B 121 -1.33 1.66 13.75
C HIS B 121 -2.07 2.26 12.55
N GLU B 122 -2.46 1.42 11.58
CA GLU B 122 -3.21 1.87 10.42
C GLU B 122 -4.55 2.47 10.81
N ILE B 123 -5.23 1.86 11.79
CA ILE B 123 -6.54 2.36 12.21
C ILE B 123 -6.41 3.70 12.92
N ILE B 124 -5.41 3.84 13.79
CA ILE B 124 -5.19 5.11 14.49
C ILE B 124 -4.95 6.24 13.49
N TYR B 125 -4.09 6.00 12.50
CA TYR B 125 -3.87 7.04 11.48
C TYR B 125 -5.15 7.37 10.73
N THR B 126 -5.93 6.35 10.38
CA THR B 126 -7.18 6.56 9.65
C THR B 126 -8.15 7.39 10.47
N MET B 127 -8.32 7.03 11.72
CA MET B 127 -9.30 7.71 12.53
C MET B 127 -8.80 9.07 12.99
N LEU B 128 -7.49 9.22 13.18
CA LEU B 128 -6.91 10.53 13.48
C LEU B 128 -7.32 11.56 12.42
N ALA B 129 -7.41 11.15 11.16
CA ALA B 129 -7.80 12.08 10.09
C ALA B 129 -9.19 12.66 10.32
N SER B 130 -10.09 11.89 10.94
CA SER B 130 -11.42 12.41 11.23
C SER B 130 -11.33 13.63 12.13
N LEU B 131 -10.28 13.71 12.95
CA LEU B 131 -10.08 14.73 13.96
C LEU B 131 -9.20 15.87 13.50
N MET B 132 -8.77 15.86 12.24
CA MET B 132 -7.80 16.81 11.74
C MET B 132 -8.40 17.56 10.56
N ASN B 133 -7.96 18.80 10.39
CA ASN B 133 -8.06 19.48 9.11
C ASN B 133 -6.66 20.03 8.83
N LYS B 134 -6.53 20.87 7.79
CA LYS B 134 -5.23 21.41 7.40
C LYS B 134 -4.63 22.36 8.44
N ASP B 135 -5.40 22.82 9.43
CA ASP B 135 -4.92 23.79 10.41
C ASP B 135 -4.64 23.21 11.79
N GLY B 136 -5.12 21.99 12.10
CA GLY B 136 -4.81 21.41 13.39
C GLY B 136 -5.65 20.19 13.69
N VAL B 137 -5.62 19.80 14.97
CA VAL B 137 -6.18 18.53 15.41
C VAL B 137 -6.93 18.77 16.72
N LEU B 138 -8.08 18.11 16.85
CA LEU B 138 -8.84 18.09 18.08
C LEU B 138 -8.20 17.14 19.08
N ILE B 139 -8.23 17.53 20.36
CA ILE B 139 -7.75 16.68 21.45
C ILE B 139 -8.80 16.66 22.55
N SER B 140 -8.65 15.68 23.45
CA SER B 140 -9.53 15.53 24.62
C SER B 140 -11.00 15.60 24.24
N GLU B 141 -11.41 14.66 23.40
CA GLU B 141 -12.81 14.56 22.97
C GLU B 141 -13.31 15.88 22.40
N GLY B 142 -12.46 16.54 21.60
CA GLY B 142 -12.85 17.76 20.94
C GLY B 142 -12.88 18.98 21.82
N GLN B 143 -12.46 18.88 23.08
CA GLN B 143 -12.45 20.05 23.96
C GLN B 143 -11.30 20.99 23.63
N GLY B 144 -10.24 20.48 23.03
CA GLY B 144 -9.13 21.33 22.67
C GLY B 144 -8.80 21.22 21.20
N PHE B 145 -8.02 22.15 20.69
CA PHE B 145 -7.59 22.17 19.29
C PHE B 145 -6.15 22.66 19.23
N MET B 146 -5.23 21.80 18.81
CA MET B 146 -3.83 22.20 18.77
C MET B 146 -3.44 22.45 17.32
N THR B 147 -2.83 23.60 17.05
CA THR B 147 -2.61 24.01 15.68
C THR B 147 -1.52 23.18 15.01
N ARG B 148 -1.66 23.03 13.69
CA ARG B 148 -0.65 22.32 12.92
C ARG B 148 0.69 23.04 12.98
N GLU B 149 0.67 24.37 12.99
CA GLU B 149 1.89 25.13 13.02
C GLU B 149 2.60 24.98 14.36
N PHE B 150 1.86 24.85 15.45
CA PHE B 150 2.52 24.63 16.74
C PHE B 150 3.19 23.27 16.78
N LEU B 151 2.50 22.25 16.28
CA LEU B 151 3.07 20.90 16.28
C LEU B 151 4.26 20.81 15.34
N LYS B 152 4.13 21.36 14.13
CA LYS B 152 5.22 21.35 13.17
C LYS B 152 6.41 22.19 13.63
N SER B 153 6.21 23.13 14.56
CA SER B 153 7.29 24.00 15.01
C SER B 153 8.06 23.42 16.18
N LEU B 154 7.66 22.27 16.70
CA LEU B 154 8.42 21.66 17.77
C LEU B 154 9.82 21.32 17.30
N ARG B 155 10.76 21.38 18.23
CA ARG B 155 12.18 21.31 17.96
C ARG B 155 12.57 19.93 17.43
N LYS B 156 13.87 19.83 17.06
CA LYS B 156 14.65 18.64 16.67
C LYS B 156 13.77 17.67 15.86
N PRO B 157 13.64 16.36 16.13
CA PRO B 157 12.83 15.54 15.22
C PRO B 157 11.34 15.57 15.54
N PHE B 158 10.93 16.19 16.65
CA PHE B 158 9.53 16.09 17.04
C PHE B 158 8.64 16.86 16.08
N GLY B 159 9.12 18.00 15.58
CA GLY B 159 8.31 18.75 14.62
C GLY B 159 8.07 17.98 13.34
N ASP B 160 9.11 17.32 12.81
CA ASP B 160 8.95 16.58 11.57
C ASP B 160 8.31 15.23 11.80
N PHE B 161 8.11 14.88 13.06
CA PHE B 161 7.34 13.70 13.42
C PHE B 161 5.85 13.96 13.24
N MET B 162 5.42 15.19 13.53
CA MET B 162 3.98 15.44 13.53
C MET B 162 3.45 15.75 12.14
N GLU B 163 4.22 16.48 11.33
CA GLU B 163 3.72 16.96 10.04
C GLU B 163 3.24 15.85 9.11
N PRO B 164 3.93 14.70 8.96
CA PRO B 164 3.42 13.65 8.07
C PRO B 164 2.00 13.20 8.38
N LYS B 165 1.59 13.24 9.65
CA LYS B 165 0.22 12.86 10.01
C LYS B 165 -0.78 13.79 9.36
N PHE B 166 -0.52 15.10 9.42
CA PHE B 166 -1.38 16.08 8.77
C PHE B 166 -1.42 15.88 7.25
N GLU B 167 -0.25 15.62 6.65
CA GLU B 167 -0.20 15.47 5.19
C GLU B 167 -1.07 14.32 4.72
N PHE B 168 -1.02 13.19 5.44
CA PHE B 168 -1.90 12.06 5.15
C PHE B 168 -3.37 12.46 5.32
N ALA B 169 -3.70 13.06 6.47
CA ALA B 169 -5.10 13.33 6.78
C ALA B 169 -5.74 14.25 5.74
N VAL B 170 -4.99 15.27 5.31
CA VAL B 170 -5.53 16.18 4.31
C VAL B 170 -5.90 15.42 3.04
N LYS B 171 -5.03 14.51 2.61
CA LYS B 171 -5.35 13.72 1.42
C LYS B 171 -6.50 12.75 1.68
N PHE B 172 -6.47 12.06 2.82
CA PHE B 172 -7.51 11.08 3.11
C PHE B 172 -8.87 11.73 3.23
N ASN B 173 -8.93 12.93 3.85
CA ASN B 173 -10.21 13.60 4.05
C ASN B 173 -10.82 14.09 2.74
N ALA B 174 -10.02 14.20 1.66
CA ALA B 174 -10.58 14.57 0.37
C ALA B 174 -11.57 13.53 -0.15
N LEU B 175 -11.55 12.29 0.37
CA LEU B 175 -12.58 11.33 -0.02
C LEU B 175 -13.93 11.61 0.60
N GLU B 176 -13.98 12.43 1.64
CA GLU B 176 -15.24 12.84 2.26
C GLU B 176 -16.03 11.66 2.79
N LEU B 177 -15.34 10.68 3.38
CA LEU B 177 -16.06 9.58 4.01
C LEU B 177 -16.79 10.10 5.25
N ASP B 178 -17.91 9.47 5.57
CA ASP B 178 -18.56 9.70 6.85
C ASP B 178 -18.43 8.46 7.73
N ASP B 179 -18.96 8.56 8.95
CA ASP B 179 -18.78 7.51 9.95
C ASP B 179 -19.33 6.17 9.48
N SER B 180 -20.43 6.17 8.73
CA SER B 180 -20.99 4.90 8.27
C SER B 180 -20.08 4.22 7.25
N ASP B 181 -19.37 4.98 6.41
CA ASP B 181 -18.35 4.38 5.55
C ASP B 181 -17.16 3.86 6.37
N LEU B 182 -16.67 4.71 7.29
CA LEU B 182 -15.45 4.43 8.04
C LEU B 182 -15.61 3.21 8.92
N ALA B 183 -16.78 3.03 9.52
CA ALA B 183 -17.00 1.86 10.37
C ALA B 183 -16.71 0.56 9.61
N ILE B 184 -17.09 0.50 8.32
CA ILE B 184 -16.83 -0.73 7.56
C ILE B 184 -15.36 -0.78 7.15
N PHE B 185 -14.81 0.39 6.78
CA PHE B 185 -13.43 0.44 6.33
C PHE B 185 -12.47 0.00 7.44
N ILE B 186 -12.72 0.45 8.67
CA ILE B 186 -11.89 0.05 9.81
C ILE B 186 -11.99 -1.45 10.04
N ALA B 187 -13.20 -2.01 9.91
CA ALA B 187 -13.34 -3.46 10.01
C ALA B 187 -12.51 -4.18 8.96
N VAL B 188 -12.48 -3.64 7.72
CA VAL B 188 -11.71 -4.27 6.65
C VAL B 188 -10.23 -4.32 7.01
N ILE B 189 -9.70 -3.22 7.53
CA ILE B 189 -8.28 -3.18 7.92
C ILE B 189 -7.99 -4.24 8.98
N ILE B 190 -8.87 -4.40 9.95
CA ILE B 190 -8.57 -5.34 11.03
C ILE B 190 -8.49 -6.75 10.50
N LEU B 191 -9.41 -7.12 9.60
CA LEU B 191 -9.52 -8.50 9.08
C LEU B 191 -8.60 -8.70 7.90
N SER B 192 -7.34 -8.32 8.08
CA SER B 192 -6.33 -8.44 7.04
C SER B 192 -5.64 -9.80 7.16
N GLY B 193 -5.81 -10.64 6.16
CA GLY B 193 -5.23 -11.99 6.20
C GLY B 193 -3.73 -12.06 5.95
N ASP B 194 -3.07 -10.95 5.70
CA ASP B 194 -1.65 -11.03 5.37
C ASP B 194 -0.76 -10.59 6.52
N ARG B 195 -1.32 -10.45 7.73
CA ARG B 195 -0.51 -10.12 8.88
C ARG B 195 0.45 -11.28 9.18
N PRO B 196 1.69 -10.99 9.57
CA PRO B 196 2.63 -12.09 9.87
C PRO B 196 2.20 -12.90 11.08
N GLY B 197 2.37 -14.21 10.99
CA GLY B 197 2.15 -15.10 12.12
C GLY B 197 0.72 -15.57 12.30
N LEU B 198 -0.18 -15.28 11.35
CA LEU B 198 -1.53 -15.79 11.46
C LEU B 198 -1.55 -17.29 11.26
N LEU B 199 -2.36 -17.99 12.06
CA LEU B 199 -2.43 -19.45 11.99
C LEU B 199 -3.52 -19.96 11.05
N ASN B 200 -4.66 -19.27 11.01
CA ASN B 200 -5.81 -19.74 10.23
C ASN B 200 -6.33 -18.58 9.37
N VAL B 201 -5.71 -18.39 8.21
CA VAL B 201 -6.00 -17.23 7.37
C VAL B 201 -7.40 -17.34 6.76
N LYS B 202 -7.87 -18.57 6.47
CA LYS B 202 -9.13 -18.71 5.72
C LYS B 202 -10.32 -17.97 6.34
N PRO B 203 -10.66 -18.14 7.63
CA PRO B 203 -11.84 -17.44 8.14
C PRO B 203 -11.66 -15.93 8.21
N ILE B 204 -10.42 -15.46 8.32
CA ILE B 204 -10.16 -14.02 8.30
C ILE B 204 -10.51 -13.45 6.92
N GLU B 205 -10.04 -14.09 5.86
CA GLU B 205 -10.35 -13.61 4.51
C GLU B 205 -11.82 -13.80 4.17
N ASP B 206 -12.47 -14.83 4.74
CA ASP B 206 -13.91 -14.95 4.52
C ASP B 206 -14.67 -13.79 5.16
N ILE B 207 -14.28 -13.38 6.36
CA ILE B 207 -14.92 -12.22 6.98
C ILE B 207 -14.58 -10.95 6.21
N GLN B 208 -13.33 -10.79 5.79
CA GLN B 208 -12.97 -9.57 5.06
C GLN B 208 -13.75 -9.48 3.75
N ASP B 209 -13.97 -10.62 3.09
CA ASP B 209 -14.74 -10.64 1.83
C ASP B 209 -16.16 -10.13 2.04
N ASN B 210 -16.82 -10.54 3.13
CA ASN B 210 -18.13 -9.99 3.48
C ASN B 210 -18.05 -8.50 3.77
N LEU B 211 -17.04 -8.08 4.53
CA LEU B 211 -16.90 -6.66 4.86
C LEU B 211 -16.68 -5.83 3.60
N LEU B 212 -15.90 -6.37 2.66
CA LEU B 212 -15.63 -5.64 1.42
C LEU B 212 -16.89 -5.52 0.59
N GLN B 213 -17.67 -6.61 0.49
CA GLN B 213 -18.96 -6.52 -0.17
C GLN B 213 -19.84 -5.47 0.47
N ALA B 214 -19.81 -5.40 1.81
CA ALA B 214 -20.63 -4.43 2.52
C ALA B 214 -20.12 -3.00 2.33
N LEU B 215 -18.79 -2.83 2.28
CA LEU B 215 -18.21 -1.51 2.02
C LEU B 215 -18.51 -1.06 0.61
N GLU B 216 -18.36 -1.96 -0.37
CA GLU B 216 -18.65 -1.61 -1.76
C GLU B 216 -20.08 -1.11 -1.91
N LEU B 217 -21.05 -1.89 -1.43
CA LEU B 217 -22.44 -1.47 -1.52
C LEU B 217 -22.70 -0.19 -0.74
N GLN B 218 -22.13 -0.07 0.47
CA GLN B 218 -22.28 1.13 1.28
C GLN B 218 -21.84 2.38 0.53
N LEU B 219 -20.69 2.30 -0.13
CA LEU B 219 -20.14 3.45 -0.85
C LEU B 219 -20.99 3.80 -2.09
N LYS B 220 -21.58 2.79 -2.74
CA LYS B 220 -22.44 3.06 -3.90
C LYS B 220 -23.74 3.76 -3.47
N LEU B 221 -24.35 3.32 -2.38
CA LEU B 221 -25.60 3.95 -1.94
C LEU B 221 -25.34 5.32 -1.31
N ASN B 222 -24.24 5.47 -0.59
CA ASN B 222 -23.99 6.69 0.17
C ASN B 222 -23.28 7.76 -0.66
N HIS B 223 -22.52 7.37 -1.68
CA HIS B 223 -21.87 8.32 -2.59
C HIS B 223 -22.10 7.88 -4.04
N PRO B 224 -23.35 7.92 -4.51
CA PRO B 224 -23.64 7.39 -5.86
C PRO B 224 -22.94 8.16 -6.96
N GLU B 225 -22.53 9.39 -6.69
CA GLU B 225 -21.93 10.24 -7.70
C GLU B 225 -20.42 10.15 -7.70
N SER B 226 -19.84 9.50 -6.68
CA SER B 226 -18.40 9.43 -6.49
C SER B 226 -17.90 8.17 -7.18
N SER B 227 -17.57 8.30 -8.46
CA SER B 227 -17.22 7.14 -9.27
C SER B 227 -16.00 6.43 -8.70
N GLN B 228 -16.11 5.11 -8.60
CA GLN B 228 -15.02 4.22 -8.14
C GLN B 228 -14.41 4.65 -6.81
N LEU B 229 -15.24 5.20 -5.90
CA LEU B 229 -14.74 5.54 -4.58
C LEU B 229 -14.23 4.31 -3.83
N PHE B 230 -14.86 3.16 -4.05
CA PHE B 230 -14.41 1.90 -3.46
C PHE B 230 -12.95 1.63 -3.82
N ALA B 231 -12.63 1.69 -5.11
CA ALA B 231 -11.25 1.53 -5.57
C ALA B 231 -10.33 2.58 -4.95
N LYS B 232 -10.76 3.85 -4.87
CA LYS B 232 -9.87 4.89 -4.33
C LYS B 232 -9.59 4.67 -2.85
N LEU B 233 -10.58 4.20 -2.10
CA LEU B 233 -10.38 3.96 -0.68
C LEU B 233 -9.40 2.80 -0.46
N LEU B 234 -9.58 1.72 -1.21
CA LEU B 234 -8.63 0.60 -1.11
C LEU B 234 -7.22 1.05 -1.51
N GLN B 235 -7.10 1.96 -2.47
CA GLN B 235 -5.78 2.48 -2.81
C GLN B 235 -5.14 3.22 -1.64
N LYS B 236 -5.93 3.74 -0.68
CA LYS B 236 -5.39 4.40 0.50
C LYS B 236 -4.74 3.41 1.47
N MET B 237 -5.14 2.15 1.43
CA MET B 237 -4.46 1.15 2.24
C MET B 237 -2.99 1.06 1.88
N THR B 238 -2.64 1.41 0.64
CA THR B 238 -1.24 1.54 0.28
C THR B 238 -0.58 2.67 1.06
N ASP B 239 -1.22 3.83 1.09
CA ASP B 239 -0.63 4.96 1.81
C ASP B 239 -0.49 4.65 3.30
N LEU B 240 -1.48 3.98 3.90
CA LEU B 240 -1.42 3.69 5.33
C LEU B 240 -0.24 2.80 5.68
N ARG B 241 -0.09 1.67 4.96
CA ARG B 241 1.07 0.80 5.17
C ARG B 241 2.37 1.56 5.04
N GLN B 242 2.47 2.44 4.04
CA GLN B 242 3.70 3.20 3.81
C GLN B 242 4.00 4.14 4.97
N ILE B 243 3.00 4.89 5.44
CA ILE B 243 3.28 5.84 6.50
C ILE B 243 3.51 5.13 7.84
N VAL B 244 2.85 4.00 8.10
CA VAL B 244 3.13 3.22 9.32
C VAL B 244 4.57 2.72 9.33
N THR B 245 5.08 2.27 8.18
CA THR B 245 6.48 1.86 8.10
C THR B 245 7.41 3.05 8.35
N GLU B 246 7.12 4.21 7.74
CA GLU B 246 7.86 5.44 8.04
C GLU B 246 7.81 5.78 9.53
N HIS B 247 6.63 5.67 10.14
CA HIS B 247 6.43 6.00 11.54
C HIS B 247 7.37 5.18 12.43
N VAL B 248 7.45 3.88 12.18
CA VAL B 248 8.29 2.99 12.98
C VAL B 248 9.75 3.46 12.92
N GLN B 249 10.25 3.76 11.72
CA GLN B 249 11.63 4.22 11.61
C GLN B 249 11.86 5.56 12.31
N LEU B 250 10.88 6.47 12.29
CA LEU B 250 11.06 7.74 12.99
C LEU B 250 11.17 7.53 14.50
N LEU B 251 10.36 6.62 15.04
CA LEU B 251 10.41 6.37 16.48
C LEU B 251 11.77 5.83 16.89
N GLN B 252 12.35 4.95 16.07
CA GLN B 252 13.63 4.35 16.41
C GLN B 252 14.73 5.40 16.51
N VAL B 253 14.73 6.38 15.59
CA VAL B 253 15.70 7.46 15.66
C VAL B 253 15.53 8.27 16.94
N ILE B 254 14.28 8.52 17.34
CA ILE B 254 14.04 9.23 18.59
C ILE B 254 14.49 8.39 19.78
N LYS B 255 14.25 7.08 19.73
CA LYS B 255 14.67 6.22 20.84
C LYS B 255 16.19 6.26 21.06
N LYS B 256 16.96 6.32 19.97
CA LYS B 256 18.41 6.24 20.08
C LYS B 256 19.09 7.59 20.36
N THR B 257 18.45 8.70 19.99
CA THR B 257 19.02 10.04 20.05
C THR B 257 18.69 10.82 21.33
N GLU B 258 17.47 10.66 21.84
CA GLU B 258 16.97 11.48 22.95
C GLU B 258 17.15 10.82 24.31
N THR B 259 17.82 11.53 25.23
CA THR B 259 18.09 11.07 26.58
C THR B 259 17.09 11.55 27.65
N ASP B 260 16.25 12.55 27.36
CA ASP B 260 15.34 13.14 28.33
C ASP B 260 13.93 12.54 28.24
N MET B 261 13.78 11.33 27.70
CA MET B 261 12.48 10.73 27.44
C MET B 261 12.04 9.75 28.51
N SER B 262 12.72 9.72 29.65
CA SER B 262 12.43 8.69 30.64
C SER B 262 11.14 9.00 31.40
N LEU B 263 10.37 7.96 31.64
CA LEU B 263 9.18 7.97 32.46
C LEU B 263 9.36 6.98 33.59
N HIS B 264 8.43 7.01 34.54
CA HIS B 264 8.39 5.96 35.55
C HIS B 264 8.36 4.60 34.85
N PRO B 265 9.18 3.64 35.29
CA PRO B 265 9.25 2.35 34.58
C PRO B 265 7.92 1.68 34.37
N LEU B 266 6.99 1.87 35.32
CA LEU B 266 5.66 1.32 35.17
C LEU B 266 4.91 1.98 34.02
N LEU B 267 5.08 3.30 33.89
CA LEU B 267 4.48 3.99 32.74
C LEU B 267 5.17 3.56 31.44
N GLN B 268 6.49 3.40 31.47
CA GLN B 268 7.19 2.90 30.28
C GLN B 268 6.61 1.56 29.86
N GLU B 269 6.27 0.72 30.83
CA GLU B 269 5.69 -0.58 30.50
C GLU B 269 4.30 -0.41 29.91
N ILE B 270 3.47 0.48 30.49
CA ILE B 270 2.11 0.64 29.97
C ILE B 270 2.14 1.13 28.54
N TYR B 271 2.83 2.25 28.31
CA TYR B 271 2.90 2.94 27.03
C TYR B 271 4.06 2.46 26.17
N LYS B 272 4.34 1.16 26.22
CA LYS B 272 5.42 0.56 25.42
C LYS B 272 5.06 0.61 23.94
C4 A1IQE C . 16.85 -12.12 -18.46
C14 A1IQE C . 13.59 -7.80 -14.39
C5 A1IQE C . 17.66 -12.12 -17.33
C6 A1IQE C . 17.05 -12.03 -16.00
C11 A1IQE C . 11.60 -9.33 -17.20
C7 A1IQE C . 14.38 -10.63 -14.21
C8 A1IQE C . 13.41 -10.18 -15.26
C9 A1IQE C . 12.86 -11.08 -16.17
C10 A1IQE C . 11.96 -10.66 -17.14
C12 A1IQE C . 12.13 -8.42 -16.31
C13 A1IQE C . 13.04 -8.82 -15.34
N1 A1IQE C . 15.95 -11.28 -15.89
N2 A1IQE C . 15.52 -11.33 -14.60
C3 A1IQE C . 17.39 -12.18 -19.73
C1 A1IQE C . 19.37 -12.27 -21.26
C15 A1IQE C . 16.35 -12.15 -13.85
C16 A1IQE C . 16.33 -12.53 -12.52
C17 A1IQE C . 17.34 -13.38 -12.10
C18 A1IQE C . 18.32 -13.85 -12.97
C19 A1IQE C . 18.34 -13.48 -14.30
C2 A1IQE C . 18.77 -12.22 -19.89
C20 A1IQE C . 17.34 -12.63 -14.76
C21 A1IQE C . 19.06 -12.15 -17.50
C22 A1IQE C . 21.25 -11.96 -16.50
C23 A1IQE C . 22.01 -13.25 -16.58
C24 A1IQE C . 23.40 -13.22 -16.67
C25 A1IQE C . 24.12 -14.40 -16.74
C26 A1IQE C . 23.46 -15.61 -16.71
C27 A1IQE C . 22.09 -15.65 -16.61
C28 A1IQE C . 21.36 -14.47 -16.55
C29 A1IQE C . 19.60 -12.21 -18.78
F1 A1IQE C . 13.05 -7.90 -13.19
F2 A1IQE C . 13.34 -6.56 -14.80
F3 A1IQE C . 14.90 -7.88 -14.24
O1 A1IQE C . 18.60 -12.49 -22.23
O2 A1IQE C . 20.59 -12.02 -21.38
O3 A1IQE C . 14.20 -10.39 -13.03
O4 A1IQE C . 19.82 -12.13 -16.38
CL1 A1IQE C . 13.26 -12.77 -16.12
C4 A1IQE D . -4.08 9.57 17.46
C14 A1IQE D . 2.17 7.45 18.43
C5 A1IQE D . -3.37 10.66 17.95
C6 A1IQE D . -1.97 10.86 17.52
C11 A1IQE D . 0.12 5.28 16.13
C7 A1IQE D . 1.06 9.41 16.55
C8 A1IQE D . 0.74 7.97 16.41
C9 A1IQE D . -0.12 7.53 15.41
C10 A1IQE D . -0.42 6.19 15.25
C12 A1IQE D . 0.95 5.69 17.15
C13 A1IQE D . 1.27 7.04 17.31
N1 A1IQE D . -1.18 9.80 17.33
N2 A1IQE D . 0.01 10.28 16.84
C3 A1IQE D . -5.42 9.41 17.75
C1 A1IQE D . -7.55 10.17 18.82
C15 A1IQE D . -0.06 11.64 16.59
C16 A1IQE D . 0.86 12.54 16.06
C17 A1IQE D . 0.46 13.86 15.95
C18 A1IQE D . -0.82 14.26 16.35
C19 A1IQE D . -1.73 13.36 16.87
C2 A1IQE D . -6.08 10.34 18.53
C20 A1IQE D . -1.35 12.02 17.01
C21 A1IQE D . -4.06 11.62 18.72
C22 A1IQE D . -4.00 13.59 20.10
C23 A1IQE D . -2.95 14.45 20.75
C24 A1IQE D . -2.23 15.37 20.00
C25 A1IQE D . -1.26 16.15 20.60
C26 A1IQE D . -1.01 16.03 21.95
C27 A1IQE D . -1.72 15.12 22.70
C28 A1IQE D . -2.68 14.33 22.09
C29 A1IQE D . -5.40 11.45 19.00
F1 A1IQE D . 2.18 6.57 19.43
F2 A1IQE D . 1.84 8.62 18.99
F3 A1IQE D . 3.44 7.57 18.06
O1 A1IQE D . -8.08 10.98 19.59
O2 A1IQE D . -8.16 9.29 18.17
O3 A1IQE D . 2.18 9.85 16.44
O4 A1IQE D . -3.35 12.69 19.19
CL1 A1IQE D . -0.80 8.67 14.27
#